data_2G72
#
_entry.id   2G72
#
_cell.length_a   94.310
_cell.length_b   94.310
_cell.length_c   188.890
_cell.angle_alpha   90.00
_cell.angle_beta   90.00
_cell.angle_gamma   90.00
#
_symmetry.space_group_name_H-M   'P 43 21 2'
#
loop_
_entity.id
_entity.type
_entity.pdbx_description
1 polymer 'Phenylethanolamine N-methyltransferase'
2 non-polymer S-ADENOSYLMETHIONINE
3 non-polymer (3R)-3-(FLUOROMETHYL)-7-(THIOMORPHOLIN-4-YLSULFONYL)-1,2,3,4-TETRAHYDROISOQUINOLINE
4 water water
#
_entity_poly.entity_id   1
_entity_poly.type   'polypeptide(L)'
_entity_poly.pdbx_seq_one_letter_code
;MSGADRSPNAGAAPDSAPGQAAVASAYQRFEPRAYLRNNYAPPRGDLCNPNGVGPWKLRCLAQTFATGEVSGRTLIDIGS
GPTVYQLLSACSHFEDITMTDFLEVNRQELGRWLQEEPGAFNWSMYSQHACLIEGKGECWQDKERQLRARVKRVLPIDVH
QPQPLGAGSPAPLPADALVSAFCLEAVSPDLASFQRALDHITTLLRPGGHLLLIGALEESWYLAGEARLTVVPVSEEEVR
EALVRSGYKVRDLRTYIMPAHLQTGVDDVKGVFFAWAQKVGLEHHHHHH
;
_entity_poly.pdbx_strand_id   A,B
#
# COMPACT_ATOMS: atom_id res chain seq x y z
N ALA A 17 0.18 31.87 -33.74
CA ALA A 17 -0.57 30.91 -34.60
C ALA A 17 0.36 29.91 -35.28
N PRO A 18 1.45 30.40 -35.91
CA PRO A 18 2.41 29.52 -36.60
C PRO A 18 3.07 28.52 -35.65
N GLY A 19 3.63 29.03 -34.55
CA GLY A 19 4.29 28.17 -33.58
C GLY A 19 3.35 27.21 -32.88
N GLN A 20 2.08 27.60 -32.76
CA GLN A 20 1.10 26.77 -32.08
C GLN A 20 0.62 25.60 -32.97
N ALA A 21 0.29 25.89 -34.22
CA ALA A 21 -0.19 24.87 -35.15
C ALA A 21 0.92 23.85 -35.46
N ALA A 22 2.16 24.25 -35.20
CA ALA A 22 3.31 23.38 -35.43
C ALA A 22 3.40 22.35 -34.30
N VAL A 23 3.21 22.83 -33.06
CA VAL A 23 3.23 21.96 -31.89
C VAL A 23 2.05 21.01 -32.03
N ALA A 24 0.88 21.59 -32.29
CA ALA A 24 -0.36 20.83 -32.45
C ALA A 24 -0.18 19.68 -33.44
N SER A 25 0.67 19.92 -34.44
CA SER A 25 0.94 18.94 -35.47
C SER A 25 1.78 17.78 -34.92
N ALA A 26 2.76 18.12 -34.09
CA ALA A 26 3.63 17.10 -33.52
C ALA A 26 2.82 16.22 -32.57
N TYR A 27 1.93 16.84 -31.80
CA TYR A 27 1.13 16.06 -30.86
C TYR A 27 0.17 15.07 -31.50
N GLN A 28 -0.03 15.18 -32.81
CA GLN A 28 -0.93 14.26 -33.46
C GLN A 28 -0.38 12.84 -33.45
N ARG A 29 0.94 12.72 -33.30
CA ARG A 29 1.58 11.42 -33.27
C ARG A 29 1.80 10.88 -31.85
N PHE A 30 1.54 11.72 -30.85
CA PHE A 30 1.73 11.37 -29.43
C PHE A 30 1.05 10.05 -29.03
N GLU A 31 1.86 9.06 -28.64
CA GLU A 31 1.35 7.76 -28.20
C GLU A 31 1.30 7.64 -26.67
N PRO A 32 0.10 7.63 -26.07
CA PRO A 32 -0.07 7.51 -24.62
C PRO A 32 0.68 6.37 -23.96
N ARG A 33 0.56 5.16 -24.50
CA ARG A 33 1.22 4.00 -23.90
C ARG A 33 2.73 4.20 -23.88
N ALA A 34 3.27 4.77 -24.96
CA ALA A 34 4.69 5.01 -25.05
C ALA A 34 5.11 6.04 -24.01
N TYR A 35 4.28 7.06 -23.82
CA TYR A 35 4.56 8.13 -22.86
C TYR A 35 4.56 7.58 -21.43
N LEU A 36 3.53 6.79 -21.10
CA LEU A 36 3.41 6.16 -19.80
C LEU A 36 4.60 5.28 -19.50
N ARG A 37 4.96 4.46 -20.47
CA ARG A 37 6.11 3.57 -20.34
C ARG A 37 7.43 4.32 -20.12
N ASN A 38 7.66 5.37 -20.91
CA ASN A 38 8.90 6.13 -20.80
C ASN A 38 9.07 6.87 -19.48
N ASN A 39 7.96 7.28 -18.90
CA ASN A 39 8.01 8.06 -17.66
C ASN A 39 7.44 7.47 -16.38
N TYR A 40 6.34 6.74 -16.45
CA TYR A 40 5.74 6.22 -15.24
C TYR A 40 6.01 4.79 -14.87
N ALA A 41 6.73 4.07 -15.73
CA ALA A 41 7.13 2.70 -15.44
C ALA A 41 8.58 2.86 -14.95
N PRO A 42 9.15 1.82 -14.31
CA PRO A 42 10.53 2.05 -13.88
C PRO A 42 11.46 2.31 -15.07
N PRO A 43 12.65 2.91 -14.83
CA PRO A 43 13.19 3.35 -13.54
C PRO A 43 12.54 4.60 -12.90
N ARG A 44 12.08 5.55 -13.70
CA ARG A 44 11.47 6.75 -13.12
C ARG A 44 10.26 6.43 -12.27
N GLY A 45 9.53 5.38 -12.64
CA GLY A 45 8.36 4.97 -11.89
C GLY A 45 8.63 4.04 -10.72
N ASP A 46 9.90 3.77 -10.36
CA ASP A 46 10.18 2.89 -9.24
C ASP A 46 9.95 3.66 -7.94
N LEU A 47 8.90 3.31 -7.21
CA LEU A 47 8.60 4.02 -5.98
C LEU A 47 9.28 3.47 -4.71
N CYS A 48 10.06 2.41 -4.85
CA CYS A 48 10.74 1.83 -3.69
C CYS A 48 11.97 2.62 -3.23
N ASN A 49 12.66 3.28 -4.16
CA ASN A 49 13.82 4.10 -3.81
C ASN A 49 13.30 5.46 -3.33
N PRO A 50 13.50 5.78 -2.05
CA PRO A 50 13.01 7.06 -1.51
C PRO A 50 13.63 8.28 -2.18
N ASN A 51 14.77 8.09 -2.83
CA ASN A 51 15.44 9.19 -3.51
C ASN A 51 15.02 9.40 -4.96
N GLY A 52 14.14 8.54 -5.47
CA GLY A 52 13.70 8.70 -6.86
C GLY A 52 12.74 9.88 -7.01
N VAL A 53 12.52 10.30 -8.25
CA VAL A 53 11.65 11.43 -8.53
C VAL A 53 10.17 11.10 -8.25
N GLY A 54 9.81 9.83 -8.37
CA GLY A 54 8.43 9.41 -8.11
C GLY A 54 8.11 9.67 -6.65
N PRO A 55 8.88 9.09 -5.72
CA PRO A 55 8.58 9.34 -4.29
C PRO A 55 8.66 10.84 -3.97
N TRP A 56 9.66 11.52 -4.52
CA TRP A 56 9.83 12.96 -4.29
C TRP A 56 8.60 13.78 -4.71
N LYS A 57 8.07 13.51 -5.91
CA LYS A 57 6.91 14.25 -6.39
C LYS A 57 5.66 13.97 -5.56
N LEU A 58 5.39 12.69 -5.28
CA LEU A 58 4.19 12.34 -4.50
C LEU A 58 4.26 12.99 -3.11
N ARG A 59 5.46 13.04 -2.57
CA ARG A 59 5.70 13.58 -1.25
CA ARG A 59 5.72 13.65 -1.28
C ARG A 59 5.40 15.08 -1.23
C ARG A 59 5.48 15.16 -1.37
N CYS A 60 5.85 15.77 -2.26
N CYS A 60 5.84 15.76 -2.50
CA CYS A 60 5.62 17.19 -2.33
CA CYS A 60 5.62 17.19 -2.70
C CYS A 60 4.15 17.51 -2.62
C CYS A 60 4.14 17.47 -2.63
N LEU A 61 3.41 16.59 -3.24
N LEU A 61 3.38 16.71 -3.41
CA LEU A 61 1.99 16.85 -3.49
CA LEU A 61 1.95 16.86 -3.51
C LEU A 61 1.23 16.60 -2.19
N ALA A 62 1.64 15.59 -1.45
CA ALA A 62 0.99 15.24 -0.20
C ALA A 62 1.24 16.30 0.88
N GLN A 63 2.48 16.73 1.03
CA GLN A 63 2.81 17.73 2.03
C GLN A 63 2.07 19.02 1.75
N THR A 64 1.96 19.40 0.48
CA THR A 64 1.25 20.63 0.13
C THR A 64 -0.19 20.57 0.62
N PHE A 65 -0.89 19.47 0.33
CA PHE A 65 -2.28 19.36 0.75
C PHE A 65 -2.45 19.14 2.24
N ALA A 66 -1.47 18.50 2.88
CA ALA A 66 -1.55 18.26 4.32
C ALA A 66 -1.57 19.55 5.13
N THR A 67 -1.19 20.66 4.50
CA THR A 67 -1.17 21.97 5.17
C THR A 67 -2.58 22.50 5.44
N GLY A 68 -3.55 21.97 4.71
CA GLY A 68 -4.92 22.44 4.84
C GLY A 68 -5.14 23.74 4.10
N GLU A 69 -4.06 24.32 3.57
CA GLU A 69 -4.09 25.60 2.85
C GLU A 69 -4.82 25.50 1.52
N VAL A 70 -4.70 24.36 0.86
CA VAL A 70 -5.33 24.19 -0.44
C VAL A 70 -6.59 23.38 -0.32
N SER A 71 -7.72 24.07 -0.41
CA SER A 71 -9.03 23.42 -0.29
C SER A 71 -10.13 24.14 -1.03
N GLY A 72 -11.30 23.52 -1.11
CA GLY A 72 -12.41 24.11 -1.81
C GLY A 72 -13.33 23.05 -2.36
N ARG A 73 -14.17 23.44 -3.32
CA ARG A 73 -15.12 22.50 -3.89
C ARG A 73 -14.71 21.95 -5.24
N THR A 74 -14.24 22.81 -6.13
CA THR A 74 -13.88 22.38 -7.47
C THR A 74 -12.41 22.56 -7.83
N LEU A 75 -11.91 21.64 -8.65
CA LEU A 75 -10.53 21.66 -9.07
C LEU A 75 -10.42 21.25 -10.53
N ILE A 76 -9.49 21.90 -11.22
CA ILE A 76 -9.27 21.56 -12.62
C ILE A 76 -7.80 21.16 -12.84
N ASP A 77 -7.62 20.03 -13.52
CA ASP A 77 -6.30 19.52 -13.82
C ASP A 77 -6.06 19.86 -15.28
N ILE A 78 -5.08 20.73 -15.52
CA ILE A 78 -4.71 21.24 -16.84
C ILE A 78 -3.69 20.37 -17.57
N GLY A 79 -4.08 19.80 -18.69
CA GLY A 79 -3.16 18.98 -19.45
C GLY A 79 -2.86 17.68 -18.73
N SER A 80 -3.92 16.98 -18.32
CA SER A 80 -3.81 15.72 -17.61
C SER A 80 -3.07 14.63 -18.37
N GLY A 81 -3.16 14.66 -19.69
CA GLY A 81 -2.53 13.60 -20.47
C GLY A 81 -3.18 12.29 -20.02
N PRO A 82 -2.43 11.19 -19.97
CA PRO A 82 -3.01 9.90 -19.54
C PRO A 82 -2.63 9.56 -18.11
N THR A 83 -2.39 10.56 -17.27
CA THR A 83 -1.97 10.26 -15.91
C THR A 83 -2.92 10.79 -14.85
N VAL A 84 -2.93 10.15 -13.69
CA VAL A 84 -3.80 10.55 -12.60
C VAL A 84 -3.02 10.73 -11.30
N TYR A 85 -1.74 10.36 -11.28
CA TYR A 85 -0.95 10.47 -10.04
C TYR A 85 -0.97 11.88 -9.48
N GLN A 86 -1.02 12.88 -10.35
CA GLN A 86 -1.03 14.27 -9.93
C GLN A 86 -2.26 14.62 -9.11
N LEU A 87 -3.26 13.74 -9.10
CA LEU A 87 -4.49 13.98 -8.34
C LEU A 87 -4.73 13.05 -7.12
N LEU A 88 -3.81 12.11 -6.86
CA LEU A 88 -4.00 11.17 -5.75
C LEU A 88 -4.16 11.79 -4.37
N SER A 89 -3.34 12.78 -4.04
CA SER A 89 -3.42 13.42 -2.75
C SER A 89 -4.44 14.55 -2.79
N ALA A 90 -4.63 15.11 -3.98
CA ALA A 90 -5.56 16.23 -4.17
C ALA A 90 -7.02 15.84 -4.04
N CYS A 91 -7.38 14.66 -4.54
CA CYS A 91 -8.78 14.22 -4.57
C CYS A 91 -9.60 14.22 -3.27
N SER A 92 -8.94 14.13 -2.12
CA SER A 92 -9.68 14.12 -0.87
C SER A 92 -9.96 15.55 -0.39
N HIS A 93 -9.58 16.55 -1.18
CA HIS A 93 -9.81 17.93 -0.79
C HIS A 93 -10.75 18.68 -1.73
N PHE A 94 -11.23 18.02 -2.77
CA PHE A 94 -12.13 18.64 -3.75
C PHE A 94 -13.18 17.66 -4.27
N GLU A 95 -14.44 17.95 -4.02
CA GLU A 95 -15.53 17.06 -4.45
C GLU A 95 -15.83 17.05 -5.95
N ASP A 96 -15.55 18.15 -6.63
CA ASP A 96 -15.77 18.21 -8.07
C ASP A 96 -14.43 18.44 -8.75
N ILE A 97 -13.97 17.44 -9.51
CA ILE A 97 -12.69 17.54 -10.19
C ILE A 97 -12.88 17.41 -11.69
N THR A 98 -12.20 18.29 -12.43
CA THR A 98 -12.27 18.26 -13.88
C THR A 98 -10.90 17.92 -14.44
N MET A 99 -10.83 16.90 -15.29
CA MET A 99 -9.55 16.54 -15.90
C MET A 99 -9.61 17.04 -17.33
N THR A 100 -8.47 17.36 -17.92
CA THR A 100 -8.49 17.86 -19.28
C THR A 100 -7.29 17.49 -20.12
N ASP A 101 -7.48 17.53 -21.44
CA ASP A 101 -6.40 17.32 -22.37
C ASP A 101 -6.76 17.65 -23.81
N PHE A 102 -5.74 18.12 -24.54
CA PHE A 102 -5.87 18.51 -25.92
C PHE A 102 -6.14 17.34 -26.85
N LEU A 103 -5.57 16.17 -26.55
CA LEU A 103 -5.74 15.00 -27.41
C LEU A 103 -6.88 14.07 -27.02
N GLU A 104 -7.55 13.55 -28.04
N GLU A 104 -7.57 13.53 -28.02
CA GLU A 104 -8.66 12.63 -27.87
CA GLU A 104 -8.68 12.64 -27.74
C GLU A 104 -8.17 11.33 -27.24
C GLU A 104 -8.16 11.31 -27.19
N VAL A 105 -7.06 10.82 -27.76
CA VAL A 105 -6.47 9.56 -27.29
C VAL A 105 -6.13 9.58 -25.80
N ASN A 106 -5.68 10.72 -25.28
CA ASN A 106 -5.36 10.78 -23.86
C ASN A 106 -6.64 10.74 -23.05
N ARG A 107 -7.64 11.50 -23.49
CA ARG A 107 -8.92 11.52 -22.80
C ARG A 107 -9.53 10.11 -22.79
N GLN A 108 -9.26 9.34 -23.85
CA GLN A 108 -9.77 7.98 -23.92
C GLN A 108 -8.99 7.09 -22.97
N GLU A 109 -7.68 7.27 -22.93
CA GLU A 109 -6.82 6.48 -22.04
C GLU A 109 -7.25 6.73 -20.58
N LEU A 110 -7.53 7.99 -20.25
CA LEU A 110 -7.99 8.33 -18.91
C LEU A 110 -9.31 7.64 -18.61
N GLY A 111 -10.20 7.64 -19.59
CA GLY A 111 -11.50 7.02 -19.44
C GLY A 111 -11.36 5.54 -19.12
N ARG A 112 -10.40 4.89 -19.77
CA ARG A 112 -10.18 3.47 -19.52
C ARG A 112 -9.82 3.18 -18.07
N TRP A 113 -9.15 4.11 -17.41
CA TRP A 113 -8.78 3.90 -16.00
C TRP A 113 -9.90 4.36 -15.10
N LEU A 114 -10.52 5.49 -15.44
CA LEU A 114 -11.63 6.01 -14.66
C LEU A 114 -12.81 5.03 -14.61
N GLN A 115 -13.12 4.44 -15.76
CA GLN A 115 -14.22 3.47 -15.88
C GLN A 115 -13.76 2.04 -15.62
N GLU A 116 -12.49 1.90 -15.24
CA GLU A 116 -11.94 0.57 -14.97
C GLU A 116 -12.14 -0.35 -16.17
N GLU A 117 -11.91 0.18 -17.36
CA GLU A 117 -12.05 -0.62 -18.57
C GLU A 117 -10.82 -1.47 -18.80
N PRO A 118 -10.89 -2.36 -19.81
CA PRO A 118 -9.75 -3.23 -20.10
C PRO A 118 -8.60 -2.43 -20.71
N GLY A 119 -7.38 -2.82 -20.37
CA GLY A 119 -6.22 -2.13 -20.91
C GLY A 119 -5.86 -0.83 -20.23
N ALA A 120 -6.57 -0.48 -19.15
CA ALA A 120 -6.26 0.74 -18.41
C ALA A 120 -4.85 0.63 -17.82
N PHE A 121 -4.16 1.76 -17.66
CA PHE A 121 -2.82 1.73 -17.07
C PHE A 121 -2.99 1.37 -15.58
N ASN A 122 -2.06 0.62 -15.03
CA ASN A 122 -2.15 0.24 -13.63
C ASN A 122 -1.42 1.26 -12.74
N TRP A 123 -2.19 2.10 -12.07
CA TRP A 123 -1.66 3.14 -11.17
C TRP A 123 -1.55 2.72 -9.70
N SER A 124 -1.93 1.48 -9.41
CA SER A 124 -1.95 0.99 -8.03
C SER A 124 -0.70 1.24 -7.19
N MET A 125 0.50 1.11 -7.75
CA MET A 125 1.71 1.38 -6.93
C MET A 125 1.73 2.83 -6.48
N TYR A 126 1.30 3.75 -7.36
CA TYR A 126 1.27 5.18 -7.01
C TYR A 126 0.22 5.44 -5.94
N SER A 127 -0.95 4.82 -6.10
CA SER A 127 -2.04 5.00 -5.12
C SER A 127 -1.56 4.53 -3.75
N GLN A 128 -0.89 3.38 -3.74
CA GLN A 128 -0.38 2.82 -2.50
C GLN A 128 0.67 3.74 -1.88
N HIS A 129 1.55 4.29 -2.71
CA HIS A 129 2.58 5.15 -2.17
C HIS A 129 1.98 6.43 -1.62
N ALA A 130 0.96 6.97 -2.28
CA ALA A 130 0.31 8.18 -1.80
C ALA A 130 -0.32 7.88 -0.43
N CYS A 131 -0.94 6.71 -0.30
CA CYS A 131 -1.52 6.31 0.99
C CYS A 131 -0.46 6.17 2.05
N LEU A 132 0.64 5.54 1.66
CA LEU A 132 1.75 5.33 2.57
C LEU A 132 2.27 6.66 3.09
N ILE A 133 2.50 7.58 2.17
CA ILE A 133 3.00 8.91 2.50
C ILE A 133 2.02 9.72 3.36
N GLU A 134 0.76 9.75 2.98
CA GLU A 134 -0.24 10.50 3.72
C GLU A 134 -0.38 10.03 5.17
N GLY A 135 -0.25 8.73 5.38
CA GLY A 135 -0.33 8.19 6.73
C GLY A 135 -1.68 8.23 7.44
N LYS A 136 -2.78 8.28 6.69
CA LYS A 136 -4.11 8.32 7.30
C LYS A 136 -4.67 6.90 7.49
N GLY A 137 -3.89 5.90 7.13
CA GLY A 137 -4.31 4.52 7.27
C GLY A 137 -5.29 4.09 6.20
N GLU A 138 -5.34 4.83 5.11
CA GLU A 138 -6.25 4.53 4.02
C GLU A 138 -5.69 3.46 3.08
N CYS A 139 -6.55 2.51 2.70
CA CYS A 139 -6.13 1.45 1.79
C CYS A 139 -6.13 2.09 0.39
N TRP A 140 -5.27 1.61 -0.50
CA TRP A 140 -5.17 2.23 -1.82
C TRP A 140 -6.43 2.13 -2.68
N GLN A 141 -7.25 1.11 -2.43
CA GLN A 141 -8.49 0.96 -3.21
C GLN A 141 -9.45 2.10 -2.87
N ASP A 142 -9.52 2.49 -1.61
CA ASP A 142 -10.41 3.56 -1.25
C ASP A 142 -9.96 4.89 -1.89
N LYS A 143 -8.65 5.05 -2.01
CA LYS A 143 -8.08 6.24 -2.60
C LYS A 143 -8.50 6.31 -4.08
N GLU A 144 -8.28 5.23 -4.81
CA GLU A 144 -8.66 5.20 -6.22
C GLU A 144 -10.17 5.34 -6.37
N ARG A 145 -10.91 4.78 -5.42
CA ARG A 145 -12.38 4.82 -5.44
C ARG A 145 -12.79 6.29 -5.37
N GLN A 146 -12.23 6.99 -4.40
CA GLN A 146 -12.52 8.40 -4.22
C GLN A 146 -12.11 9.28 -5.41
N LEU A 147 -10.97 8.98 -6.04
CA LEU A 147 -10.56 9.78 -7.19
C LEU A 147 -11.54 9.58 -8.33
N ARG A 148 -11.88 8.32 -8.60
CA ARG A 148 -12.81 7.99 -9.66
C ARG A 148 -14.16 8.65 -9.41
N ALA A 149 -14.56 8.72 -8.14
CA ALA A 149 -15.84 9.32 -7.81
C ALA A 149 -15.83 10.82 -8.03
N ARG A 150 -14.79 11.50 -7.55
CA ARG A 150 -14.71 12.95 -7.69
C ARG A 150 -14.39 13.50 -9.07
N VAL A 151 -13.83 12.69 -9.97
CA VAL A 151 -13.55 13.19 -11.32
C VAL A 151 -14.86 13.14 -12.09
N LYS A 152 -15.55 14.28 -12.13
CA LYS A 152 -16.84 14.39 -12.80
C LYS A 152 -16.80 14.40 -14.32
N ARG A 153 -15.74 14.95 -14.90
CA ARG A 153 -15.65 15.04 -16.36
C ARG A 153 -14.22 15.16 -16.91
N VAL A 154 -14.05 14.83 -18.18
CA VAL A 154 -12.75 14.88 -18.87
C VAL A 154 -12.95 15.71 -20.14
N LEU A 155 -12.56 16.98 -20.08
CA LEU A 155 -12.77 17.89 -21.20
C LEU A 155 -11.58 18.26 -22.06
N PRO A 156 -11.86 18.61 -23.33
CA PRO A 156 -10.78 19.01 -24.24
C PRO A 156 -10.34 20.38 -23.76
N ILE A 157 -9.15 20.82 -24.16
CA ILE A 157 -8.65 22.09 -23.72
C ILE A 157 -7.47 22.50 -24.61
N ASP A 158 -7.20 23.80 -24.64
CA ASP A 158 -6.09 24.36 -25.42
C ASP A 158 -5.61 25.57 -24.65
N VAL A 159 -4.51 25.40 -23.93
CA VAL A 159 -3.97 26.47 -23.13
C VAL A 159 -3.58 27.69 -23.97
N HIS A 160 -3.55 27.51 -25.29
CA HIS A 160 -3.17 28.62 -26.16
C HIS A 160 -4.31 29.58 -26.46
N GLN A 161 -5.54 29.13 -26.22
CA GLN A 161 -6.70 29.97 -26.45
C GLN A 161 -6.88 30.81 -25.18
N PRO A 162 -7.36 32.07 -25.34
CA PRO A 162 -7.60 32.99 -24.23
C PRO A 162 -8.54 32.35 -23.23
N GLN A 163 -9.47 31.57 -23.76
CA GLN A 163 -10.43 30.81 -22.96
C GLN A 163 -10.08 29.35 -23.23
N PRO A 164 -9.12 28.79 -22.47
CA PRO A 164 -8.69 27.40 -22.64
C PRO A 164 -9.78 26.33 -22.75
N LEU A 165 -10.82 26.43 -21.92
CA LEU A 165 -11.89 25.44 -21.97
C LEU A 165 -12.96 25.77 -23.00
N GLY A 166 -12.86 26.94 -23.60
CA GLY A 166 -13.83 27.32 -24.61
C GLY A 166 -14.95 28.20 -24.10
N ALA A 167 -16.04 28.22 -24.85
N ALA A 167 -16.09 28.13 -24.78
CA ALA A 167 -17.20 29.06 -24.54
CA ALA A 167 -17.26 28.91 -24.39
C ALA A 167 -17.99 28.61 -23.32
C ALA A 167 -18.38 28.01 -23.84
N GLY A 168 -18.90 27.66 -23.52
N GLY A 168 -18.70 28.18 -22.56
CA GLY A 168 -19.72 27.18 -22.43
CA GLY A 168 -19.77 27.42 -21.94
C GLY A 168 -19.35 25.79 -21.94
C GLY A 168 -19.47 26.04 -21.35
N SER A 169 -18.19 25.68 -21.28
CA SER A 169 -17.74 24.39 -20.77
C SER A 169 -18.52 23.95 -19.53
N PRO A 170 -18.72 22.63 -19.38
CA PRO A 170 -19.44 22.03 -18.26
C PRO A 170 -18.70 22.24 -16.94
N ALA A 171 -17.44 22.62 -17.04
CA ALA A 171 -16.61 22.83 -15.87
C ALA A 171 -17.06 24.00 -15.02
N PRO A 172 -17.19 23.78 -13.70
CA PRO A 172 -17.62 24.83 -12.77
C PRO A 172 -16.53 25.91 -12.69
N LEU A 173 -16.76 27.06 -13.30
CA LEU A 173 -15.78 28.12 -13.27
C LEU A 173 -16.30 29.31 -12.48
N PRO A 174 -15.41 30.03 -11.78
CA PRO A 174 -13.98 29.73 -11.73
C PRO A 174 -13.73 28.60 -10.72
N ALA A 175 -12.55 27.97 -10.83
CA ALA A 175 -12.18 26.87 -9.94
C ALA A 175 -11.53 27.40 -8.65
N ASP A 176 -11.66 26.63 -7.58
CA ASP A 176 -11.06 27.01 -6.31
C ASP A 176 -9.56 26.72 -6.33
N ALA A 177 -9.14 25.85 -7.25
CA ALA A 177 -7.72 25.48 -7.40
C ALA A 177 -7.44 24.80 -8.75
N LEU A 178 -6.20 24.89 -9.20
CA LEU A 178 -5.77 24.27 -10.45
C LEU A 178 -4.50 23.42 -10.20
N VAL A 179 -4.31 22.41 -11.04
CA VAL A 179 -3.12 21.55 -10.98
C VAL A 179 -2.65 21.38 -12.43
N SER A 180 -1.35 21.51 -12.67
CA SER A 180 -0.85 21.31 -14.03
C SER A 180 0.56 20.72 -13.98
N ALA A 181 0.72 19.55 -14.57
CA ALA A 181 2.03 18.92 -14.55
C ALA A 181 2.57 18.64 -15.93
N PHE A 182 3.73 19.22 -16.22
CA PHE A 182 4.37 19.01 -17.53
C PHE A 182 3.55 19.38 -18.76
N CYS A 183 2.70 20.39 -18.64
CA CYS A 183 1.91 20.79 -19.79
C CYS A 183 2.45 22.05 -20.48
N LEU A 184 2.35 23.18 -19.80
CA LEU A 184 2.78 24.44 -20.36
C LEU A 184 4.11 24.45 -21.12
N GLU A 185 5.20 24.06 -20.46
CA GLU A 185 6.49 24.08 -21.10
C GLU A 185 6.58 23.06 -22.23
N ALA A 186 5.74 22.03 -22.17
CA ALA A 186 5.76 20.97 -23.17
C ALA A 186 4.93 21.26 -24.42
N VAL A 187 4.18 22.37 -24.39
CA VAL A 187 3.34 22.74 -25.53
C VAL A 187 3.63 24.16 -26.00
N SER A 188 4.62 24.80 -25.38
CA SER A 188 5.01 26.17 -25.70
C SER A 188 6.35 26.22 -26.44
N PRO A 189 6.39 26.88 -27.61
CA PRO A 189 7.62 27.00 -28.40
C PRO A 189 8.68 27.88 -27.75
N ASP A 190 8.27 28.76 -26.85
CA ASP A 190 9.25 29.64 -26.20
C ASP A 190 8.72 30.23 -24.92
N LEU A 191 9.59 30.91 -24.20
CA LEU A 191 9.22 31.51 -22.93
C LEU A 191 7.98 32.39 -23.05
N ALA A 192 7.97 33.28 -24.03
CA ALA A 192 6.85 34.19 -24.24
C ALA A 192 5.54 33.44 -24.34
N SER A 193 5.51 32.39 -25.17
CA SER A 193 4.30 31.59 -25.33
C SER A 193 3.93 30.89 -24.00
N PHE A 194 4.96 30.53 -23.22
CA PHE A 194 4.76 29.88 -21.93
C PHE A 194 4.02 30.84 -21.03
N GLN A 195 4.50 32.09 -21.01
CA GLN A 195 3.89 33.14 -20.19
C GLN A 195 2.41 33.34 -20.57
N ARG A 196 2.13 33.42 -21.85
CA ARG A 196 0.76 33.61 -22.29
C ARG A 196 -0.13 32.45 -21.87
N ALA A 197 0.34 31.23 -22.12
CA ALA A 197 -0.43 30.03 -21.75
C ALA A 197 -0.73 30.05 -20.26
N LEU A 198 0.21 30.53 -19.45
CA LEU A 198 0.00 30.60 -18.01
C LEU A 198 -1.08 31.65 -17.73
N ASP A 199 -1.01 32.79 -18.43
CA ASP A 199 -2.00 33.85 -18.26
C ASP A 199 -3.36 33.27 -18.59
N HIS A 200 -3.40 32.56 -19.71
CA HIS A 200 -4.65 31.97 -20.16
C HIS A 200 -5.27 31.07 -19.11
N ILE A 201 -4.54 30.08 -18.60
CA ILE A 201 -5.15 29.20 -17.62
C ILE A 201 -5.42 29.90 -16.30
N THR A 202 -4.67 30.94 -15.99
CA THR A 202 -4.91 31.63 -14.73
C THR A 202 -6.31 32.25 -14.66
N THR A 203 -6.88 32.56 -15.82
CA THR A 203 -8.22 33.16 -15.87
C THR A 203 -9.27 32.16 -15.37
N LEU A 204 -8.91 30.89 -15.37
CA LEU A 204 -9.81 29.83 -14.92
C LEU A 204 -9.84 29.71 -13.40
N LEU A 205 -8.94 30.42 -12.75
CA LEU A 205 -8.84 30.35 -11.30
C LEU A 205 -9.47 31.53 -10.56
N ARG A 206 -10.15 31.19 -9.47
CA ARG A 206 -10.81 32.15 -8.60
C ARG A 206 -9.74 32.91 -7.82
N PRO A 207 -9.93 34.24 -7.67
CA PRO A 207 -8.96 35.06 -6.93
C PRO A 207 -8.71 34.43 -5.57
N GLY A 208 -7.46 34.46 -5.11
CA GLY A 208 -7.14 33.86 -3.84
C GLY A 208 -7.01 32.35 -3.98
N GLY A 209 -7.35 31.85 -5.17
CA GLY A 209 -7.27 30.43 -5.46
C GLY A 209 -5.84 29.92 -5.49
N HIS A 210 -5.66 28.61 -5.61
CA HIS A 210 -4.32 28.03 -5.63
C HIS A 210 -3.97 27.29 -6.91
N LEU A 211 -2.69 27.35 -7.24
CA LEU A 211 -2.17 26.68 -8.42
C LEU A 211 -0.96 25.86 -8.02
N LEU A 212 -1.02 24.56 -8.33
CA LEU A 212 0.09 23.66 -8.08
C LEU A 212 0.58 23.37 -9.48
N LEU A 213 1.71 23.99 -9.84
CA LEU A 213 2.31 23.83 -11.16
C LEU A 213 3.55 22.95 -11.05
N ILE A 214 3.63 21.93 -11.89
CA ILE A 214 4.74 20.99 -11.92
C ILE A 214 5.31 20.89 -13.32
N GLY A 215 6.62 20.81 -13.46
CA GLY A 215 7.16 20.70 -14.80
C GLY A 215 8.63 20.35 -14.98
N ALA A 216 9.03 20.26 -16.23
CA ALA A 216 10.41 19.93 -16.58
C ALA A 216 11.34 21.15 -16.58
N LEU A 217 12.53 21.01 -16.01
CA LEU A 217 13.50 22.11 -15.99
C LEU A 217 14.59 21.89 -17.04
N GLU A 218 14.80 22.92 -17.87
CA GLU A 218 15.81 22.90 -18.92
C GLU A 218 15.68 21.71 -19.85
N GLU A 219 14.45 21.39 -20.23
CA GLU A 219 14.21 20.28 -21.16
C GLU A 219 13.93 20.87 -22.54
N SER A 220 14.37 20.20 -23.60
CA SER A 220 14.12 20.72 -24.93
C SER A 220 13.47 19.72 -25.89
N TRP A 221 13.33 18.48 -25.48
CA TRP A 221 12.65 17.47 -26.30
C TRP A 221 12.35 16.22 -25.49
N TYR A 222 11.35 15.45 -25.93
CA TYR A 222 11.01 14.19 -25.30
C TYR A 222 10.25 13.40 -26.34
N LEU A 223 10.29 12.08 -26.21
CA LEU A 223 9.64 11.20 -27.16
C LEU A 223 8.40 10.55 -26.60
N ALA A 224 7.49 10.18 -27.49
CA ALA A 224 6.25 9.50 -27.10
C ALA A 224 5.84 8.61 -28.29
N GLY A 225 6.59 7.53 -28.48
CA GLY A 225 6.30 6.63 -29.58
C GLY A 225 6.90 7.23 -30.83
N GLU A 226 6.10 7.37 -31.88
CA GLU A 226 6.60 7.93 -33.12
C GLU A 226 6.69 9.46 -33.04
N ALA A 227 6.08 10.04 -32.01
CA ALA A 227 6.12 11.48 -31.83
C ALA A 227 7.40 11.92 -31.14
N ARG A 228 7.90 13.06 -31.56
CA ARG A 228 9.11 13.67 -31.01
C ARG A 228 8.63 15.09 -30.75
N LEU A 229 8.60 15.50 -29.50
CA LEU A 229 8.09 16.83 -29.17
C LEU A 229 9.14 17.80 -28.69
N THR A 230 8.94 19.06 -29.03
CA THR A 230 9.81 20.13 -28.63
C THR A 230 9.30 20.61 -27.28
N VAL A 231 10.20 21.14 -26.47
CA VAL A 231 9.83 21.65 -25.16
C VAL A 231 10.61 22.94 -25.01
N VAL A 232 10.09 23.89 -24.26
CA VAL A 232 10.80 25.13 -24.03
C VAL A 232 11.60 24.93 -22.74
N PRO A 233 12.93 25.11 -22.81
CA PRO A 233 13.78 24.93 -21.64
C PRO A 233 13.64 26.09 -20.68
N VAL A 234 13.00 25.87 -19.54
CA VAL A 234 12.84 26.93 -18.56
C VAL A 234 13.61 26.63 -17.29
N SER A 235 13.95 27.69 -16.56
CA SER A 235 14.68 27.54 -15.31
C SER A 235 13.74 27.85 -14.17
N GLU A 236 14.14 27.49 -12.96
CA GLU A 236 13.33 27.75 -11.78
C GLU A 236 13.00 29.24 -11.67
N GLU A 237 14.01 30.09 -11.84
N GLU A 237 14.03 30.06 -11.89
CA GLU A 237 13.78 31.52 -11.74
CA GLU A 237 13.94 31.51 -11.83
C GLU A 237 12.80 31.96 -12.82
C GLU A 237 12.89 32.00 -12.82
N GLU A 238 13.03 31.54 -14.06
CA GLU A 238 12.11 31.92 -15.12
C GLU A 238 10.67 31.54 -14.76
N VAL A 239 10.49 30.35 -14.16
CA VAL A 239 9.17 29.91 -13.77
C VAL A 239 8.65 30.82 -12.67
N ARG A 240 9.48 31.07 -11.67
CA ARG A 240 9.10 31.93 -10.55
C ARG A 240 8.61 33.29 -11.08
N GLU A 241 9.46 33.93 -11.89
CA GLU A 241 9.14 35.23 -12.45
C GLU A 241 7.85 35.16 -13.24
N ALA A 242 7.72 34.17 -14.11
CA ALA A 242 6.49 34.03 -14.90
C ALA A 242 5.26 33.95 -14.00
N LEU A 243 5.38 33.23 -12.88
CA LEU A 243 4.26 33.11 -11.96
C LEU A 243 3.90 34.48 -11.39
N VAL A 244 4.93 35.24 -10.99
CA VAL A 244 4.71 36.57 -10.43
C VAL A 244 4.03 37.44 -11.47
N ARG A 245 4.55 37.42 -12.68
CA ARG A 245 4.01 38.22 -13.76
C ARG A 245 2.57 37.89 -14.09
N SER A 246 2.08 36.74 -13.62
CA SER A 246 0.72 36.37 -13.91
C SER A 246 -0.24 36.62 -12.76
N GLY A 247 0.23 37.34 -11.75
CA GLY A 247 -0.61 37.68 -10.61
C GLY A 247 -0.62 36.65 -9.50
N TYR A 248 0.49 35.95 -9.31
CA TYR A 248 0.57 34.95 -8.26
C TYR A 248 1.58 35.30 -7.20
N LYS A 249 1.40 34.72 -6.03
CA LYS A 249 2.33 34.88 -4.92
C LYS A 249 2.80 33.44 -4.73
N VAL A 250 4.08 33.22 -4.95
CA VAL A 250 4.70 31.91 -4.83
C VAL A 250 4.81 31.46 -3.36
N ARG A 251 3.98 30.49 -2.98
CA ARG A 251 3.97 29.97 -1.61
C ARG A 251 5.08 28.96 -1.38
N ASP A 252 5.49 28.28 -2.45
CA ASP A 252 6.52 27.27 -2.35
C ASP A 252 7.06 26.96 -3.74
N LEU A 253 8.36 26.71 -3.81
CA LEU A 253 9.00 26.36 -5.08
C LEU A 253 10.15 25.42 -4.75
N ARG A 254 10.15 24.24 -5.39
CA ARG A 254 11.18 23.25 -5.14
C ARG A 254 11.72 22.68 -6.44
N THR A 255 12.98 22.27 -6.42
CA THR A 255 13.60 21.67 -7.59
C THR A 255 14.16 20.30 -7.24
N TYR A 256 14.02 19.38 -8.18
CA TYR A 256 14.56 18.03 -8.02
C TYR A 256 15.50 17.90 -9.20
N ILE A 257 16.74 17.55 -8.94
CA ILE A 257 17.70 17.41 -10.05
C ILE A 257 17.67 15.94 -10.51
N MET A 258 17.50 15.72 -11.81
CA MET A 258 17.43 14.37 -12.32
C MET A 258 18.77 13.64 -12.19
N PRO A 259 18.82 12.58 -11.38
CA PRO A 259 20.11 11.88 -11.26
C PRO A 259 20.44 11.14 -12.56
N ALA A 260 21.70 10.75 -12.69
CA ALA A 260 22.17 10.06 -13.89
C ALA A 260 21.38 8.80 -14.25
N HIS A 261 21.05 7.99 -13.26
CA HIS A 261 20.32 6.77 -13.55
C HIS A 261 18.89 6.99 -14.06
N LEU A 262 18.35 8.21 -13.90
CA LEU A 262 17.00 8.48 -14.40
C LEU A 262 17.08 9.29 -15.69
N GLN A 263 18.30 9.47 -16.20
CA GLN A 263 18.50 10.19 -17.46
C GLN A 263 18.58 9.12 -18.51
N THR A 264 17.46 8.89 -19.18
CA THR A 264 17.41 7.86 -20.20
C THR A 264 17.40 8.48 -21.60
N GLY A 265 17.02 7.68 -22.58
CA GLY A 265 16.99 8.20 -23.93
C GLY A 265 15.66 8.80 -24.32
N VAL A 266 14.73 8.88 -23.37
CA VAL A 266 13.40 9.40 -23.71
C VAL A 266 13.28 10.92 -23.76
N ASP A 267 14.29 11.62 -23.27
CA ASP A 267 14.26 13.07 -23.27
C ASP A 267 15.59 13.60 -22.78
N ASP A 268 15.67 14.92 -22.58
CA ASP A 268 16.91 15.51 -22.08
C ASP A 268 16.61 16.41 -20.87
N VAL A 269 15.62 16.02 -20.06
CA VAL A 269 15.25 16.81 -18.90
C VAL A 269 16.41 16.82 -17.89
N LYS A 270 16.61 17.99 -17.26
CA LYS A 270 17.70 18.15 -16.28
C LYS A 270 17.20 18.14 -14.83
N GLY A 271 15.94 18.49 -14.64
CA GLY A 271 15.38 18.51 -13.31
C GLY A 271 13.88 18.67 -13.41
N VAL A 272 13.21 18.65 -12.26
CA VAL A 272 11.77 18.82 -12.22
C VAL A 272 11.46 19.88 -11.16
N PHE A 273 10.54 20.79 -11.46
CA PHE A 273 10.19 21.83 -10.49
C PHE A 273 8.77 21.65 -10.00
N PHE A 274 8.53 22.19 -8.81
CA PHE A 274 7.21 22.17 -8.22
C PHE A 274 6.94 23.57 -7.71
N ALA A 275 5.85 24.18 -8.17
CA ALA A 275 5.50 25.53 -7.75
C ALA A 275 4.11 25.55 -7.14
N TRP A 276 4.01 26.01 -5.90
CA TRP A 276 2.73 26.17 -5.24
C TRP A 276 2.52 27.69 -5.27
N ALA A 277 1.56 28.14 -6.09
CA ALA A 277 1.30 29.56 -6.22
C ALA A 277 -0.14 29.95 -5.90
N GLN A 278 -0.29 31.13 -5.33
CA GLN A 278 -1.61 31.62 -4.96
C GLN A 278 -1.98 32.88 -5.75
N LYS A 279 -3.14 32.84 -6.41
CA LYS A 279 -3.61 33.97 -7.19
C LYS A 279 -4.04 35.09 -6.24
N VAL A 280 -3.26 36.16 -6.22
CA VAL A 280 -3.54 37.31 -5.35
C VAL A 280 -4.10 38.46 -6.18
N PRO B 14 -4.55 -37.66 32.73
CA PRO B 14 -4.96 -38.87 32.02
C PRO B 14 -4.06 -39.22 30.83
N ASP B 15 -4.63 -39.92 29.86
CA ASP B 15 -3.91 -40.31 28.66
C ASP B 15 -4.14 -39.24 27.61
N SER B 16 -3.06 -38.76 27.00
CA SER B 16 -3.17 -37.71 26.00
C SER B 16 -3.11 -38.20 24.55
N ALA B 17 -2.47 -39.34 24.32
CA ALA B 17 -2.32 -39.90 22.98
C ALA B 17 -3.61 -40.00 22.16
N PRO B 18 -4.71 -40.49 22.76
CA PRO B 18 -5.97 -40.61 22.00
C PRO B 18 -6.42 -39.33 21.31
N GLY B 19 -6.66 -38.27 22.09
CA GLY B 19 -7.10 -37.00 21.52
C GLY B 19 -6.11 -36.49 20.47
N GLN B 20 -4.83 -36.61 20.77
CA GLN B 20 -3.79 -36.18 19.86
C GLN B 20 -3.89 -36.94 18.54
N ALA B 21 -4.12 -38.25 18.62
CA ALA B 21 -4.25 -39.07 17.42
C ALA B 21 -5.47 -38.62 16.61
N ALA B 22 -6.49 -38.14 17.30
CA ALA B 22 -7.70 -37.68 16.62
C ALA B 22 -7.33 -36.45 15.79
N VAL B 23 -6.59 -35.54 16.43
CA VAL B 23 -6.13 -34.30 15.80
C VAL B 23 -5.33 -34.61 14.54
N ALA B 24 -4.24 -35.36 14.69
CA ALA B 24 -3.43 -35.74 13.55
C ALA B 24 -4.29 -36.29 12.40
N SER B 25 -5.20 -37.21 12.71
CA SER B 25 -6.08 -37.79 11.69
C SER B 25 -6.92 -36.71 11.01
N ALA B 26 -7.58 -35.89 11.80
CA ALA B 26 -8.40 -34.82 11.23
C ALA B 26 -7.57 -33.93 10.30
N TYR B 27 -6.35 -33.56 10.72
CA TYR B 27 -5.53 -32.69 9.89
C TYR B 27 -5.06 -33.28 8.58
N GLN B 28 -5.20 -34.59 8.40
CA GLN B 28 -4.78 -35.18 7.13
C GLN B 28 -5.71 -34.75 6.01
N ARG B 29 -6.84 -34.14 6.34
CA ARG B 29 -7.78 -33.70 5.32
C ARG B 29 -7.78 -32.18 5.17
N PHE B 30 -6.86 -31.51 5.84
CA PHE B 30 -6.73 -30.05 5.80
C PHE B 30 -6.28 -29.58 4.42
N GLU B 31 -7.05 -28.67 3.82
CA GLU B 31 -6.73 -28.11 2.50
C GLU B 31 -6.28 -26.63 2.62
N PRO B 32 -4.98 -26.35 2.48
CA PRO B 32 -4.42 -24.98 2.59
C PRO B 32 -5.19 -23.93 1.80
N ARG B 33 -5.41 -24.20 0.52
CA ARG B 33 -6.11 -23.27 -0.36
C ARG B 33 -7.50 -22.89 0.12
N ALA B 34 -8.26 -23.88 0.58
CA ALA B 34 -9.61 -23.62 1.06
C ALA B 34 -9.49 -22.78 2.32
N TYR B 35 -8.56 -23.17 3.19
CA TYR B 35 -8.28 -22.47 4.44
C TYR B 35 -7.92 -21.01 4.16
N LEU B 36 -6.96 -20.82 3.26
CA LEU B 36 -6.54 -19.48 2.86
C LEU B 36 -7.70 -18.65 2.37
N ARG B 37 -8.56 -19.25 1.56
CA ARG B 37 -9.70 -18.53 1.03
C ARG B 37 -10.73 -18.17 2.13
N ASN B 38 -10.96 -19.12 3.04
CA ASN B 38 -11.94 -18.89 4.09
C ASN B 38 -11.59 -17.74 5.03
N ASN B 39 -10.31 -17.63 5.37
CA ASN B 39 -9.89 -16.63 6.32
C ASN B 39 -9.11 -15.42 5.82
N TYR B 40 -8.24 -15.62 4.84
CA TYR B 40 -7.41 -14.54 4.35
C TYR B 40 -7.87 -13.77 3.12
N ALA B 41 -8.82 -14.33 2.36
CA ALA B 41 -9.38 -13.59 1.23
C ALA B 41 -10.56 -12.82 1.86
N PRO B 42 -11.20 -11.91 1.11
CA PRO B 42 -12.32 -11.19 1.75
C PRO B 42 -13.48 -12.14 2.02
N PRO B 43 -14.44 -11.76 2.88
CA PRO B 43 -14.58 -10.52 3.65
C PRO B 43 -13.60 -10.36 4.82
N ARG B 44 -13.13 -11.45 5.42
CA ARG B 44 -12.18 -11.33 6.53
C ARG B 44 -10.87 -10.67 6.11
N GLY B 45 -10.47 -10.91 4.87
CA GLY B 45 -9.23 -10.36 4.36
C GLY B 45 -9.37 -8.97 3.75
N ASP B 46 -10.54 -8.35 3.91
CA ASP B 46 -10.72 -7.02 3.37
C ASP B 46 -10.02 -6.06 4.29
N LEU B 47 -8.85 -5.57 3.84
CA LEU B 47 -8.08 -4.66 4.67
C LEU B 47 -8.50 -3.20 4.55
N CYS B 48 -9.54 -2.93 3.76
CA CYS B 48 -10.04 -1.55 3.63
C CYS B 48 -11.04 -1.18 4.72
N ASN B 49 -11.55 -2.16 5.46
CA ASN B 49 -12.49 -1.88 6.54
C ASN B 49 -11.68 -1.60 7.80
N PRO B 50 -11.57 -0.32 8.20
CA PRO B 50 -10.79 0.00 9.40
C PRO B 50 -11.19 -0.82 10.62
N ASN B 51 -12.45 -1.24 10.67
CA ASN B 51 -12.98 -2.00 11.80
C ASN B 51 -12.94 -3.52 11.63
N GLY B 52 -12.45 -3.97 10.49
CA GLY B 52 -12.35 -5.40 10.24
C GLY B 52 -11.28 -6.03 11.10
N VAL B 53 -11.24 -7.35 11.13
CA VAL B 53 -10.29 -8.08 11.93
C VAL B 53 -8.87 -8.04 11.32
N GLY B 54 -8.79 -7.96 10.00
CA GLY B 54 -7.51 -7.89 9.34
C GLY B 54 -6.73 -6.66 9.77
N PRO B 55 -7.28 -5.46 9.57
CA PRO B 55 -6.57 -4.24 9.98
C PRO B 55 -6.21 -4.27 11.47
N TRP B 56 -7.19 -4.66 12.29
CA TRP B 56 -6.98 -4.75 13.73
C TRP B 56 -5.83 -5.67 14.07
N LYS B 57 -5.80 -6.87 13.52
CA LYS B 57 -4.69 -7.78 13.85
C LYS B 57 -3.34 -7.21 13.41
N LEU B 58 -3.26 -6.69 12.18
CA LEU B 58 -2.02 -6.14 11.65
C LEU B 58 -1.55 -4.95 12.50
N ARG B 59 -2.53 -4.15 12.94
CA ARG B 59 -2.26 -2.98 13.76
CA ARG B 59 -2.27 -3.01 13.80
C ARG B 59 -1.67 -3.37 15.11
C ARG B 59 -1.72 -3.51 15.13
N CYS B 60 -2.20 -4.44 15.67
N CYS B 60 -2.28 -4.61 15.64
CA CYS B 60 -1.76 -4.91 16.95
CA CYS B 60 -1.83 -5.21 16.89
C CYS B 60 -0.36 -5.56 16.89
C CYS B 60 -0.36 -5.55 16.84
N LEU B 61 0.00 -6.15 15.75
N LEU B 61 0.03 -6.31 15.81
CA LEU B 61 1.35 -6.73 15.63
CA LEU B 61 1.39 -6.74 15.63
C LEU B 61 2.34 -5.57 15.44
N ALA B 62 1.98 -4.64 14.55
CA ALA B 62 2.82 -3.47 14.27
C ALA B 62 3.10 -2.67 15.55
N GLN B 63 2.05 -2.42 16.34
CA GLN B 63 2.20 -1.65 17.57
C GLN B 63 3.08 -2.34 18.59
N THR B 64 2.99 -3.67 18.66
CA THR B 64 3.79 -4.41 19.59
C THR B 64 5.26 -4.30 19.22
N PHE B 65 5.58 -4.46 17.94
CA PHE B 65 6.98 -4.35 17.55
C PHE B 65 7.48 -2.90 17.60
N ALA B 66 6.57 -1.95 17.50
CA ALA B 66 6.93 -0.54 17.53
C ALA B 66 7.38 -0.08 18.92
N THR B 67 7.16 -0.89 19.94
CA THR B 67 7.59 -0.52 21.29
C THR B 67 9.09 -0.76 21.45
N GLY B 68 9.69 -1.47 20.49
CA GLY B 68 11.10 -1.79 20.55
C GLY B 68 11.43 -2.90 21.52
N GLU B 69 10.51 -3.21 22.43
CA GLU B 69 10.73 -4.24 23.45
C GLU B 69 10.82 -5.67 22.98
N VAL B 70 10.43 -5.96 21.75
CA VAL B 70 10.50 -7.32 21.26
C VAL B 70 11.53 -7.39 20.15
N SER B 71 12.74 -7.80 20.50
CA SER B 71 13.82 -7.91 19.53
C SER B 71 14.78 -9.02 19.87
N GLY B 72 15.77 -9.20 19.00
CA GLY B 72 16.75 -10.24 19.22
C GLY B 72 17.23 -10.77 17.90
N ARG B 73 17.90 -11.93 17.93
CA ARG B 73 18.44 -12.50 16.71
C ARG B 73 17.49 -13.52 16.10
N THR B 74 16.93 -14.37 16.91
CA THR B 74 16.08 -15.43 16.39
C THR B 74 14.62 -15.43 16.84
N LEU B 75 13.76 -15.82 15.92
CA LEU B 75 12.34 -15.88 16.19
C LEU B 75 11.84 -17.19 15.60
N ILE B 76 10.89 -17.83 16.27
CA ILE B 76 10.30 -19.07 15.76
C ILE B 76 8.80 -18.84 15.64
N ASP B 77 8.22 -19.15 14.49
CA ASP B 77 6.78 -19.01 14.30
C ASP B 77 6.25 -20.44 14.49
N ILE B 78 5.34 -20.63 15.46
CA ILE B 78 4.77 -21.92 15.81
C ILE B 78 3.46 -22.24 15.10
N GLY B 79 3.48 -23.26 14.25
CA GLY B 79 2.28 -23.65 13.53
C GLY B 79 1.90 -22.57 12.54
N SER B 80 2.84 -22.24 11.64
CA SER B 80 2.64 -21.19 10.64
C SER B 80 1.52 -21.50 9.66
N GLY B 81 1.26 -22.79 9.43
CA GLY B 81 0.24 -23.10 8.45
C GLY B 81 0.71 -22.55 7.11
N PRO B 82 -0.20 -22.07 6.28
CA PRO B 82 0.34 -21.57 5.02
C PRO B 82 0.32 -20.03 4.95
N THR B 83 0.39 -19.36 6.10
CA THR B 83 0.31 -17.90 6.13
C THR B 83 1.59 -17.19 6.58
N VAL B 84 1.79 -15.94 6.14
CA VAL B 84 2.98 -15.18 6.52
C VAL B 84 2.63 -13.79 7.11
N TYR B 85 1.35 -13.43 7.13
CA TYR B 85 0.96 -12.12 7.63
C TYR B 85 1.40 -11.90 9.06
N GLN B 86 1.47 -12.99 9.84
CA GLN B 86 1.87 -12.89 11.25
C GLN B 86 3.34 -12.53 11.43
N LEU B 87 4.11 -12.52 10.34
CA LEU B 87 5.53 -12.20 10.40
C LEU B 87 5.90 -10.88 9.68
N LEU B 88 4.91 -10.16 9.18
CA LEU B 88 5.19 -8.94 8.43
C LEU B 88 5.87 -7.78 9.20
N SER B 89 5.40 -7.50 10.41
CA SER B 89 5.98 -6.47 11.21
C SER B 89 7.18 -7.03 11.97
N ALA B 90 7.12 -8.31 12.29
CA ALA B 90 8.19 -8.95 13.05
C ALA B 90 9.51 -9.13 12.30
N CYS B 91 9.42 -9.32 10.98
CA CYS B 91 10.62 -9.62 10.21
C CYS B 91 11.72 -8.56 10.21
N SER B 92 11.35 -7.31 10.48
CA SER B 92 12.36 -6.28 10.49
C SER B 92 13.08 -6.23 11.84
N HIS B 93 12.73 -7.12 12.77
CA HIS B 93 13.37 -7.14 14.08
C HIS B 93 14.12 -8.41 14.41
N PHE B 94 14.07 -9.41 13.55
CA PHE B 94 14.78 -10.66 13.80
C PHE B 94 15.54 -11.16 12.57
N GLU B 95 16.85 -11.29 12.68
CA GLU B 95 17.69 -11.73 11.57
C GLU B 95 17.38 -13.16 11.13
N ASP B 96 17.09 -14.03 12.10
CA ASP B 96 16.84 -15.43 11.81
C ASP B 96 15.43 -15.82 12.18
N ILE B 97 14.65 -16.20 11.17
CA ILE B 97 13.28 -16.62 11.42
C ILE B 97 13.05 -18.07 11.01
N THR B 98 12.43 -18.84 11.89
CA THR B 98 12.09 -20.23 11.61
C THR B 98 10.57 -20.34 11.46
N MET B 99 10.11 -20.92 10.36
CA MET B 99 8.67 -21.12 10.22
C MET B 99 8.47 -22.61 10.49
N THR B 100 7.29 -23.01 10.93
CA THR B 100 7.07 -24.42 11.22
C THR B 100 5.65 -24.85 10.95
N ASP B 101 5.47 -26.16 10.78
CA ASP B 101 4.14 -26.74 10.62
C ASP B 101 4.15 -28.25 10.62
N PHE B 102 3.05 -28.79 11.13
CA PHE B 102 2.84 -30.22 11.23
C PHE B 102 2.69 -30.86 9.85
N LEU B 103 1.89 -30.20 9.01
CA LEU B 103 1.58 -30.65 7.66
C LEU B 103 2.57 -30.29 6.56
N GLU B 104 2.97 -31.29 5.78
CA GLU B 104 3.89 -31.07 4.68
C GLU B 104 3.28 -30.14 3.62
N VAL B 105 2.00 -30.33 3.31
CA VAL B 105 1.35 -29.50 2.32
C VAL B 105 1.34 -28.04 2.71
N ASN B 106 1.40 -27.73 4.00
CA ASN B 106 1.44 -26.32 4.39
C ASN B 106 2.87 -25.84 4.16
N ARG B 107 3.84 -26.66 4.55
CA ARG B 107 5.23 -26.28 4.36
C ARG B 107 5.58 -26.04 2.88
N GLN B 108 4.90 -26.76 1.98
CA GLN B 108 5.12 -26.61 0.55
C GLN B 108 4.46 -25.33 0.05
N GLU B 109 3.35 -24.97 0.67
CA GLU B 109 2.63 -23.77 0.29
C GLU B 109 3.51 -22.55 0.63
N LEU B 110 4.17 -22.62 1.78
CA LEU B 110 5.09 -21.55 2.18
C LEU B 110 6.25 -21.60 1.18
N GLY B 111 6.59 -22.82 0.75
CA GLY B 111 7.65 -22.99 -0.21
C GLY B 111 7.37 -22.26 -1.51
N ARG B 112 6.11 -22.23 -1.92
CA ARG B 112 5.75 -21.55 -3.15
C ARG B 112 5.88 -20.05 -3.00
N TRP B 113 5.51 -19.54 -1.84
CA TRP B 113 5.60 -18.11 -1.63
C TRP B 113 7.07 -17.72 -1.54
N LEU B 114 7.87 -18.51 -0.83
CA LEU B 114 9.28 -18.22 -0.67
C LEU B 114 9.99 -18.16 -2.03
N GLN B 115 9.51 -18.92 -3.01
CA GLN B 115 10.11 -18.91 -4.34
C GLN B 115 9.48 -17.86 -5.28
N GLU B 116 8.55 -17.06 -4.76
CA GLU B 116 7.87 -16.04 -5.56
C GLU B 116 7.17 -16.62 -6.76
N GLU B 117 6.59 -17.80 -6.60
CA GLU B 117 5.88 -18.44 -7.69
C GLU B 117 4.51 -17.79 -7.86
N PRO B 118 4.08 -17.60 -9.11
CA PRO B 118 2.76 -16.97 -9.31
C PRO B 118 1.61 -17.81 -8.74
N GLY B 119 1.82 -19.12 -8.63
CA GLY B 119 0.79 -19.99 -8.10
C GLY B 119 0.65 -19.92 -6.59
N ALA B 120 1.51 -19.15 -5.93
CA ALA B 120 1.46 -19.04 -4.48
C ALA B 120 0.35 -18.07 -4.08
N PHE B 121 -0.07 -18.15 -2.82
CA PHE B 121 -1.08 -17.22 -2.32
C PHE B 121 -0.44 -15.83 -2.38
N ASN B 122 -1.20 -14.83 -2.82
CA ASN B 122 -0.69 -13.47 -2.92
C ASN B 122 -0.94 -12.70 -1.64
N TRP B 123 0.14 -12.36 -0.94
CA TRP B 123 0.05 -11.62 0.30
C TRP B 123 0.32 -10.12 0.20
N SER B 124 0.43 -9.62 -1.04
CA SER B 124 0.75 -8.22 -1.24
C SER B 124 -0.14 -7.20 -0.54
N MET B 125 -1.45 -7.44 -0.49
CA MET B 125 -2.34 -6.49 0.21
C MET B 125 -1.97 -6.39 1.70
N TYR B 126 -1.60 -7.52 2.32
CA TYR B 126 -1.22 -7.54 3.72
C TYR B 126 0.14 -6.83 3.87
N SER B 127 1.06 -7.14 2.96
CA SER B 127 2.38 -6.50 2.98
C SER B 127 2.23 -4.99 2.88
N GLN B 128 1.38 -4.52 1.97
CA GLN B 128 1.14 -3.09 1.79
C GLN B 128 0.53 -2.51 3.05
N HIS B 129 -0.45 -3.20 3.62
CA HIS B 129 -1.10 -2.67 4.81
C HIS B 129 -0.12 -2.58 5.96
N ALA B 130 0.75 -3.57 6.10
CA ALA B 130 1.75 -3.55 7.17
C ALA B 130 2.67 -2.32 6.95
N CYS B 131 3.15 -2.15 5.73
CA CYS B 131 3.99 -1.00 5.42
C CYS B 131 3.23 0.28 5.75
N LEU B 132 1.97 0.33 5.35
CA LEU B 132 1.13 1.49 5.60
C LEU B 132 1.03 1.89 7.08
N ILE B 133 0.84 0.92 7.98
CA ILE B 133 0.69 1.28 9.39
C ILE B 133 2.01 1.42 10.13
N GLU B 134 3.05 0.76 9.64
CA GLU B 134 4.34 0.88 10.31
C GLU B 134 4.89 2.32 10.17
N GLY B 135 4.39 3.06 9.18
CA GLY B 135 4.78 4.44 8.98
C GLY B 135 6.26 4.74 8.77
N LYS B 136 6.96 3.87 8.05
CA LYS B 136 8.39 4.07 7.80
C LYS B 136 8.65 4.32 6.31
N GLY B 137 7.58 4.49 5.55
CA GLY B 137 7.71 4.74 4.12
C GLY B 137 8.32 3.59 3.34
N GLU B 138 8.24 2.40 3.90
CA GLU B 138 8.78 1.22 3.23
C GLU B 138 7.80 0.76 2.13
N CYS B 139 8.32 0.37 0.98
CA CYS B 139 7.44 -0.11 -0.08
C CYS B 139 7.23 -1.60 0.21
N TRP B 140 6.06 -2.12 -0.13
CA TRP B 140 5.74 -3.51 0.17
C TRP B 140 6.68 -4.54 -0.43
N GLN B 141 7.24 -4.24 -1.61
CA GLN B 141 8.15 -5.21 -2.21
C GLN B 141 9.41 -5.33 -1.36
N ASP B 142 9.81 -4.25 -0.69
CA ASP B 142 10.99 -4.31 0.15
C ASP B 142 10.71 -5.19 1.37
N LYS B 143 9.54 -5.03 1.98
CA LYS B 143 9.18 -5.83 3.15
C LYS B 143 9.12 -7.34 2.77
N GLU B 144 8.50 -7.67 1.65
CA GLU B 144 8.43 -9.07 1.27
C GLU B 144 9.82 -9.60 1.00
N ARG B 145 10.66 -8.80 0.36
CA ARG B 145 12.02 -9.27 0.06
C ARG B 145 12.75 -9.56 1.36
N GLN B 146 12.57 -8.70 2.36
CA GLN B 146 13.24 -8.92 3.64
C GLN B 146 12.73 -10.17 4.36
N LEU B 147 11.43 -10.42 4.35
CA LEU B 147 10.87 -11.59 5.01
C LEU B 147 11.43 -12.86 4.41
N ARG B 148 11.43 -12.94 3.08
CA ARG B 148 11.92 -14.10 2.35
C ARG B 148 13.38 -14.35 2.65
N ALA B 149 14.13 -13.27 2.84
CA ALA B 149 15.55 -13.42 3.15
C ALA B 149 15.69 -13.90 4.59
N ARG B 150 14.88 -13.37 5.50
CA ARG B 150 15.01 -13.75 6.89
C ARG B 150 14.42 -15.10 7.35
N VAL B 151 13.59 -15.73 6.51
CA VAL B 151 13.04 -17.04 6.85
C VAL B 151 14.17 -18.04 6.50
N LYS B 152 14.89 -18.51 7.51
CA LYS B 152 16.02 -19.41 7.31
C LYS B 152 15.68 -20.89 7.16
N ARG B 153 14.49 -21.29 7.59
CA ARG B 153 14.08 -22.68 7.51
C ARG B 153 12.59 -22.84 7.77
N VAL B 154 12.02 -23.88 7.19
CA VAL B 154 10.62 -24.21 7.38
C VAL B 154 10.68 -25.63 7.89
N LEU B 155 10.36 -25.81 9.16
CA LEU B 155 10.47 -27.12 9.79
C LEU B 155 9.18 -27.78 10.22
N PRO B 156 9.23 -29.12 10.41
CA PRO B 156 8.09 -29.92 10.84
C PRO B 156 7.98 -29.65 12.33
N ILE B 157 6.76 -29.64 12.85
CA ILE B 157 6.57 -29.42 14.27
C ILE B 157 5.33 -30.14 14.80
N ASP B 158 5.36 -30.45 16.09
CA ASP B 158 4.25 -31.10 16.78
C ASP B 158 4.31 -30.55 18.20
N VAL B 159 3.39 -29.66 18.54
CA VAL B 159 3.37 -29.02 19.85
C VAL B 159 3.01 -29.95 21.00
N HIS B 160 2.55 -31.16 20.69
CA HIS B 160 2.16 -32.11 21.73
C HIS B 160 3.34 -32.87 22.29
N GLN B 161 4.46 -32.86 21.58
CA GLN B 161 5.67 -33.53 22.04
C GLN B 161 6.38 -32.60 23.00
N PRO B 162 7.15 -33.15 23.95
CA PRO B 162 7.85 -32.29 24.91
C PRO B 162 8.93 -31.44 24.23
N GLN B 163 9.36 -31.91 23.06
CA GLN B 163 10.34 -31.21 22.22
C GLN B 163 9.58 -31.10 20.90
N PRO B 164 8.78 -30.04 20.74
CA PRO B 164 7.99 -29.83 19.53
C PRO B 164 8.74 -29.95 18.21
N LEU B 165 10.00 -29.53 18.19
CA LEU B 165 10.82 -29.57 16.99
C LEU B 165 11.62 -30.83 16.82
N GLY B 166 11.54 -31.72 17.81
CA GLY B 166 12.30 -32.96 17.74
C GLY B 166 13.63 -32.78 18.47
N ALA B 167 14.48 -33.79 18.37
CA ALA B 167 15.78 -33.75 19.03
C ALA B 167 16.85 -33.28 18.06
N GLY B 168 17.73 -32.41 18.56
CA GLY B 168 18.79 -31.88 17.72
C GLY B 168 18.22 -31.24 16.47
N SER B 169 17.24 -30.37 16.66
CA SER B 169 16.59 -29.68 15.53
C SER B 169 17.53 -28.60 15.00
N PRO B 170 17.32 -28.21 13.74
CA PRO B 170 18.16 -27.18 13.11
C PRO B 170 18.00 -25.83 13.82
N ALA B 171 16.76 -25.50 14.14
CA ALA B 171 16.43 -24.23 14.76
C ALA B 171 17.37 -23.76 15.87
N PRO B 172 17.91 -22.54 15.71
CA PRO B 172 18.82 -22.00 16.72
C PRO B 172 17.99 -21.94 18.00
N LEU B 173 18.35 -22.73 19.02
CA LEU B 173 17.61 -22.72 20.28
C LEU B 173 18.54 -22.31 21.39
N PRO B 174 18.03 -21.56 22.38
CA PRO B 174 16.66 -21.05 22.57
C PRO B 174 16.39 -19.80 21.72
N ALA B 175 15.17 -19.69 21.22
CA ALA B 175 14.77 -18.56 20.41
C ALA B 175 14.59 -17.34 21.32
N ASP B 176 14.76 -16.14 20.77
CA ASP B 176 14.59 -14.92 21.57
C ASP B 176 13.11 -14.53 21.63
N ALA B 177 12.32 -15.07 20.71
CA ALA B 177 10.91 -14.77 20.67
C ALA B 177 10.14 -15.85 19.94
N LEU B 178 8.85 -15.93 20.22
CA LEU B 178 7.96 -16.88 19.58
C LEU B 178 6.68 -16.16 19.13
N VAL B 179 6.17 -16.57 17.99
CA VAL B 179 4.91 -16.05 17.47
C VAL B 179 4.09 -17.30 17.19
N SER B 180 2.79 -17.24 17.41
CA SER B 180 1.95 -18.39 17.10
C SER B 180 0.55 -17.88 16.96
N ALA B 181 -0.03 -18.11 15.80
CA ALA B 181 -1.39 -17.64 15.57
C ALA B 181 -2.31 -18.79 15.20
N PHE B 182 -3.40 -18.90 15.95
CA PHE B 182 -4.41 -19.92 15.78
C PHE B 182 -3.87 -21.34 15.67
N CYS B 183 -2.87 -21.65 16.48
CA CYS B 183 -2.33 -23.00 16.44
C CYS B 183 -2.81 -23.86 17.62
N LEU B 184 -2.32 -23.55 18.82
CA LEU B 184 -2.65 -24.30 20.03
C LEU B 184 -4.12 -24.68 20.20
N GLU B 185 -5.03 -23.71 20.23
CA GLU B 185 -6.43 -24.07 20.42
C GLU B 185 -7.02 -24.90 19.27
N ALA B 186 -6.40 -24.84 18.09
CA ALA B 186 -6.90 -25.56 16.92
C ALA B 186 -6.36 -26.98 16.78
N VAL B 187 -5.42 -27.37 17.63
CA VAL B 187 -4.84 -28.71 17.58
C VAL B 187 -4.95 -29.39 18.96
N SER B 188 -5.57 -28.69 19.91
CA SER B 188 -5.71 -29.24 21.25
C SER B 188 -7.16 -29.65 21.55
N PRO B 189 -7.38 -30.94 21.81
CA PRO B 189 -8.72 -31.46 22.11
C PRO B 189 -9.41 -30.81 23.31
N ASP B 190 -8.62 -30.39 24.29
CA ASP B 190 -9.20 -29.78 25.48
C ASP B 190 -8.23 -28.80 26.11
N LEU B 191 -8.74 -28.03 27.06
CA LEU B 191 -7.94 -27.03 27.76
C LEU B 191 -6.65 -27.55 28.38
N ALA B 192 -6.66 -28.82 28.80
CA ALA B 192 -5.49 -29.41 29.45
C ALA B 192 -4.40 -29.72 28.43
N SER B 193 -4.82 -30.03 27.20
CA SER B 193 -3.87 -30.30 26.12
C SER B 193 -3.28 -28.94 25.69
N PHE B 194 -4.15 -27.93 25.64
CA PHE B 194 -3.77 -26.56 25.30
C PHE B 194 -2.64 -26.17 26.24
N GLN B 195 -2.90 -26.25 27.54
CA GLN B 195 -1.94 -25.90 28.58
C GLN B 195 -0.61 -26.62 28.37
N ARG B 196 -0.67 -27.93 28.12
CA ARG B 196 0.56 -28.70 27.92
C ARG B 196 1.31 -28.27 26.66
N ALA B 197 0.57 -28.03 25.58
CA ALA B 197 1.20 -27.59 24.34
C ALA B 197 1.92 -26.27 24.61
N LEU B 198 1.27 -25.39 25.35
CA LEU B 198 1.90 -24.11 25.67
C LEU B 198 3.20 -24.34 26.44
N ASP B 199 3.20 -25.29 27.38
CA ASP B 199 4.40 -25.58 28.16
C ASP B 199 5.48 -26.14 27.26
N HIS B 200 5.07 -26.91 26.26
CA HIS B 200 6.04 -27.49 25.33
C HIS B 200 6.75 -26.41 24.49
N ILE B 201 5.99 -25.54 23.83
CA ILE B 201 6.63 -24.51 23.00
C ILE B 201 7.40 -23.53 23.88
N THR B 202 6.99 -23.39 25.14
CA THR B 202 7.66 -22.49 26.05
C THR B 202 9.11 -22.94 26.32
N THR B 203 9.38 -24.23 26.15
CA THR B 203 10.74 -24.72 26.36
C THR B 203 11.65 -24.25 25.23
N LEU B 204 11.07 -23.65 24.19
CA LEU B 204 11.87 -23.19 23.05
C LEU B 204 12.27 -21.73 23.20
N LEU B 205 11.61 -21.02 24.13
CA LEU B 205 11.85 -19.60 24.36
C LEU B 205 12.86 -19.36 25.47
N ARG B 206 13.80 -18.47 25.25
CA ARG B 206 14.82 -18.18 26.26
C ARG B 206 14.19 -17.42 27.40
N PRO B 207 14.77 -17.52 28.60
CA PRO B 207 14.25 -16.81 29.76
C PRO B 207 14.32 -15.32 29.46
N GLY B 208 13.22 -14.61 29.68
CA GLY B 208 13.21 -13.19 29.39
C GLY B 208 12.67 -12.93 27.99
N GLY B 209 12.53 -14.01 27.21
CA GLY B 209 12.03 -13.88 25.85
C GLY B 209 10.57 -13.49 25.78
N HIS B 210 10.09 -13.23 24.56
CA HIS B 210 8.70 -12.82 24.32
C HIS B 210 7.91 -13.81 23.47
N LEU B 211 6.64 -13.97 23.82
CA LEU B 211 5.75 -14.83 23.07
C LEU B 211 4.57 -13.96 22.65
N LEU B 212 4.25 -13.98 21.36
CA LEU B 212 3.11 -13.23 20.88
C LEU B 212 2.15 -14.33 20.48
N LEU B 213 1.06 -14.46 21.25
CA LEU B 213 0.07 -15.50 21.00
C LEU B 213 -1.23 -14.91 20.47
N ILE B 214 -1.67 -15.43 19.33
CA ILE B 214 -2.90 -14.99 18.68
C ILE B 214 -3.80 -16.22 18.55
N GLY B 215 -5.10 -16.05 18.75
CA GLY B 215 -5.97 -17.21 18.63
C GLY B 215 -7.47 -16.93 18.61
N ALA B 216 -8.23 -18.00 18.40
CA ALA B 216 -9.69 -17.94 18.34
C ALA B 216 -10.32 -18.04 19.73
N LEU B 217 -11.40 -17.30 19.97
CA LEU B 217 -12.07 -17.34 21.27
C LEU B 217 -13.44 -18.00 21.17
N GLU B 218 -13.69 -18.96 22.06
CA GLU B 218 -14.97 -19.66 22.11
C GLU B 218 -15.36 -20.24 20.76
N GLU B 219 -14.40 -20.90 20.12
CA GLU B 219 -14.64 -21.52 18.80
C GLU B 219 -14.55 -23.02 19.01
N SER B 220 -15.38 -23.80 18.31
CA SER B 220 -15.36 -25.26 18.46
C SER B 220 -15.14 -26.04 17.15
N TRP B 221 -15.28 -25.36 16.02
CA TRP B 221 -15.05 -25.99 14.72
C TRP B 221 -14.78 -24.93 13.63
N TYR B 222 -14.09 -25.36 12.58
CA TYR B 222 -13.82 -24.50 11.42
C TYR B 222 -13.62 -25.43 10.24
N LEU B 223 -13.71 -24.89 9.04
CA LEU B 223 -13.57 -25.70 7.84
C LEU B 223 -12.29 -25.37 7.08
N ALA B 224 -11.67 -26.42 6.51
CA ALA B 224 -10.46 -26.27 5.71
C ALA B 224 -10.68 -27.17 4.52
N GLY B 225 -11.75 -26.87 3.77
CA GLY B 225 -12.10 -27.68 2.62
C GLY B 225 -13.05 -28.76 3.10
N GLU B 226 -12.79 -30.00 2.69
CA GLU B 226 -13.63 -31.13 3.11
C GLU B 226 -13.64 -31.20 4.62
N ALA B 227 -12.44 -31.28 5.18
CA ALA B 227 -12.24 -31.37 6.61
C ALA B 227 -12.93 -30.29 7.46
N ARG B 228 -13.71 -30.75 8.43
CA ARG B 228 -14.38 -29.88 9.39
C ARG B 228 -13.65 -30.25 10.68
N LEU B 229 -12.73 -29.40 11.12
CA LEU B 229 -11.93 -29.69 12.30
C LEU B 229 -12.44 -29.12 13.60
N THR B 230 -12.04 -29.77 14.69
CA THR B 230 -12.44 -29.38 16.03
C THR B 230 -11.49 -28.42 16.73
N VAL B 231 -12.05 -27.48 17.47
CA VAL B 231 -11.28 -26.49 18.20
C VAL B 231 -11.75 -26.50 19.65
N VAL B 232 -10.82 -26.39 20.61
CA VAL B 232 -11.20 -26.35 22.01
C VAL B 232 -11.58 -24.90 22.26
N PRO B 233 -12.88 -24.65 22.56
CA PRO B 233 -13.27 -23.26 22.82
C PRO B 233 -12.60 -22.75 24.10
N VAL B 234 -11.91 -21.63 24.00
CA VAL B 234 -11.24 -21.06 25.16
C VAL B 234 -11.64 -19.61 25.31
N SER B 235 -11.46 -19.07 26.51
CA SER B 235 -11.85 -17.69 26.76
C SER B 235 -10.59 -16.88 27.05
N GLU B 236 -10.74 -15.56 27.09
CA GLU B 236 -9.61 -14.69 27.37
C GLU B 236 -9.05 -15.02 28.75
N GLU B 237 -9.94 -15.24 29.71
CA GLU B 237 -9.56 -15.57 31.10
C GLU B 237 -8.73 -16.85 31.13
N GLU B 238 -9.19 -17.86 30.41
CA GLU B 238 -8.44 -19.12 30.38
C GLU B 238 -7.07 -18.95 29.73
N VAL B 239 -7.00 -18.14 28.67
CA VAL B 239 -5.71 -17.93 28.00
C VAL B 239 -4.79 -17.22 28.99
N ARG B 240 -5.33 -16.22 29.70
CA ARG B 240 -4.52 -15.49 30.65
C ARG B 240 -3.94 -16.44 31.72
N GLU B 241 -4.81 -17.28 32.29
CA GLU B 241 -4.41 -18.23 33.32
C GLU B 241 -3.35 -19.22 32.78
N ALA B 242 -3.55 -19.68 31.55
CA ALA B 242 -2.62 -20.63 30.93
C ALA B 242 -1.21 -20.04 30.78
N LEU B 243 -1.16 -18.76 30.44
CA LEU B 243 0.10 -18.07 30.27
C LEU B 243 0.82 -17.94 31.61
N VAL B 244 0.08 -17.49 32.62
CA VAL B 244 0.64 -17.32 33.97
C VAL B 244 1.20 -18.67 34.44
N ARG B 245 0.43 -19.72 34.18
CA ARG B 245 0.80 -21.06 34.55
C ARG B 245 2.06 -21.58 33.86
N SER B 246 2.34 -21.11 32.65
CA SER B 246 3.52 -21.59 31.93
C SER B 246 4.79 -20.84 32.28
N GLY B 247 4.66 -19.79 33.08
CA GLY B 247 5.84 -19.02 33.48
C GLY B 247 5.98 -17.71 32.75
N TYR B 248 4.84 -17.15 32.35
CA TYR B 248 4.84 -15.89 31.63
C TYR B 248 4.19 -14.79 32.42
N LYS B 249 4.69 -13.57 32.22
CA LYS B 249 4.08 -12.39 32.82
C LYS B 249 3.37 -11.86 31.58
N VAL B 250 2.11 -11.49 31.72
CA VAL B 250 1.33 -10.99 30.60
C VAL B 250 1.54 -9.49 30.42
N ARG B 251 2.11 -9.10 29.29
CA ARG B 251 2.35 -7.69 29.01
C ARG B 251 1.14 -7.04 28.36
N ASP B 252 0.41 -7.82 27.58
CA ASP B 252 -0.75 -7.31 26.87
C ASP B 252 -1.66 -8.47 26.48
N LEU B 253 -2.97 -8.21 26.46
CA LEU B 253 -3.93 -9.22 26.07
C LEU B 253 -5.14 -8.44 25.60
N ARG B 254 -5.48 -8.60 24.33
CA ARG B 254 -6.59 -7.86 23.76
C ARG B 254 -7.60 -8.81 23.18
N THR B 255 -8.82 -8.34 23.01
CA THR B 255 -9.87 -9.15 22.43
C THR B 255 -10.55 -8.35 21.34
N TYR B 256 -10.80 -9.01 20.22
CA TYR B 256 -11.52 -8.40 19.11
C TYR B 256 -12.78 -9.27 18.99
N ILE B 257 -13.94 -8.64 18.99
CA ILE B 257 -15.20 -9.37 18.89
C ILE B 257 -15.57 -9.44 17.43
N MET B 258 -15.65 -10.66 16.91
CA MET B 258 -15.97 -10.85 15.50
C MET B 258 -17.34 -10.30 15.16
N PRO B 259 -17.40 -9.32 14.24
CA PRO B 259 -18.65 -8.71 13.81
C PRO B 259 -19.50 -9.71 13.02
N ALA B 260 -20.81 -9.53 13.04
CA ALA B 260 -21.71 -10.46 12.37
C ALA B 260 -21.34 -10.77 10.92
N HIS B 261 -21.11 -9.73 10.13
N HIS B 261 -21.11 -9.73 10.13
CA HIS B 261 -20.78 -9.91 8.72
CA HIS B 261 -20.75 -9.86 8.72
C HIS B 261 -19.50 -10.71 8.48
C HIS B 261 -19.51 -10.72 8.49
N LEU B 262 -18.67 -10.85 9.50
CA LEU B 262 -17.46 -11.63 9.36
C LEU B 262 -17.64 -13.05 9.90
N GLN B 263 -18.78 -13.27 10.53
CA GLN B 263 -19.08 -14.59 11.06
C GLN B 263 -19.78 -15.34 9.92
N THR B 264 -19.00 -15.71 8.91
N THR B 264 -19.00 -15.71 8.92
CA THR B 264 -19.45 -16.36 7.67
CA THR B 264 -19.51 -16.47 7.80
C THR B 264 -19.91 -17.82 7.57
C THR B 264 -19.68 -17.88 8.40
N GLY B 265 -19.50 -18.68 8.51
N GLY B 265 -19.84 -18.88 7.55
CA GLY B 265 -19.93 -20.07 8.40
CA GLY B 265 -20.00 -20.23 8.04
C GLY B 265 -18.79 -21.03 8.16
C GLY B 265 -18.76 -21.06 7.86
N VAL B 266 -17.58 -20.48 8.09
CA VAL B 266 -16.36 -21.25 7.90
C VAL B 266 -15.92 -21.73 9.28
N ASP B 267 -16.59 -21.21 10.31
CA ASP B 267 -16.31 -21.58 11.69
C ASP B 267 -17.34 -20.98 12.62
N ASP B 268 -17.13 -21.11 13.93
CA ASP B 268 -18.06 -20.52 14.89
C ASP B 268 -17.27 -19.70 15.90
N VAL B 269 -16.27 -18.97 15.41
CA VAL B 269 -15.44 -18.17 16.29
C VAL B 269 -16.25 -16.98 16.78
N LYS B 270 -16.07 -16.61 18.05
CA LYS B 270 -16.80 -15.48 18.60
C LYS B 270 -15.93 -14.24 18.68
N GLY B 271 -14.61 -14.44 18.77
CA GLY B 271 -13.68 -13.33 18.83
C GLY B 271 -12.26 -13.80 18.64
N VAL B 272 -11.33 -12.86 18.63
CA VAL B 272 -9.91 -13.18 18.46
C VAL B 272 -9.16 -12.53 19.60
N PHE B 273 -8.19 -13.25 20.15
CA PHE B 273 -7.37 -12.74 21.24
C PHE B 273 -5.93 -12.58 20.80
N PHE B 274 -5.26 -11.61 21.42
CA PHE B 274 -3.87 -11.39 21.16
C PHE B 274 -3.19 -11.26 22.51
N ALA B 275 -2.19 -12.09 22.73
CA ALA B 275 -1.45 -12.03 23.98
C ALA B 275 0.04 -11.76 23.77
N TRP B 276 0.56 -10.77 24.48
CA TRP B 276 1.99 -10.47 24.43
C TRP B 276 2.47 -10.89 25.83
N ALA B 277 3.26 -11.95 25.90
CA ALA B 277 3.73 -12.44 27.19
C ALA B 277 5.24 -12.57 27.20
N GLN B 278 5.83 -12.35 28.37
CA GLN B 278 7.27 -12.45 28.53
C GLN B 278 7.60 -13.59 29.47
N LYS B 279 8.49 -14.47 29.04
CA LYS B 279 8.86 -15.60 29.86
C LYS B 279 9.69 -15.15 31.07
N VAL B 280 9.26 -15.59 32.25
CA VAL B 280 9.93 -15.26 33.49
C VAL B 280 11.05 -16.28 33.76
#